data_7ADG
#
_entry.id   7ADG
#
_cell.length_a   45.358
_cell.length_b   73.192
_cell.length_c   52.740
_cell.angle_alpha   90.000
_cell.angle_beta   109.731
_cell.angle_gamma   90.000
#
_symmetry.space_group_name_H-M   'P 1 21 1'
#
loop_
_entity.id
_entity.type
_entity.pdbx_description
1 polymer Endothiapepsin
2 non-polymer 2-(1H-imidazol-1-yl)-N-(trans-4-methylcyclohexyl)acetamide
3 non-polymer [azanyl-[4-(trifluoromethyl)phenyl]methylidene]azanium
4 non-polymer GLYCEROL
5 non-polymer 'DIMETHYL SULFOXIDE'
6 non-polymer 'ACETATE ION'
7 water water
#
_entity_poly.entity_id   1
_entity_poly.type   'polypeptide(L)'
_entity_poly.pdbx_seq_one_letter_code
;MSSPLKNALVTAMLAGGALSSPTKQHVGIPVNASPEVGPGKYSFKQVRNPNYKFNGPLSVKKTYLKYGVPIPAWLEDAVQ
NSTSGLAERSTGSATTTPIDSLDDAYITPVQIGTPAQTLNLDFDTGSSDLWVFSSETTASEVDGQTIYTPSKSTTAKLLS
GATWSISYGDGSSSSGDVYTDTVSVGGLTVTGQAVESAKKVSSSFTEDSTIDGLLGLAFSTLNTVSPTQQKTFFDNAKAS
LDSPVFTADLGYHAPGTYNFGFIDTTAYTGSITYTAVSTKQGFWEWTSTGYAVGSGTFKSTSIDGIADTGTTLLYLPATV
VSAYWAQVSGAKSSSSVGGYVFPCSATLPSFTFGVGSARIVIPGDYIDFGPISTGSSSCFGGIQSSAGIGINIFGDVALK
AAFVVFNGATTPTLGFASK
;
_entity_poly.pdbx_strand_id   A
#
# COMPACT_ATOMS: atom_id res chain seq x y z
N SER A 90 -17.12 -16.40 -5.86
N SER A 90 -17.06 -16.38 -5.92
CA SER A 90 -16.71 -16.24 -4.45
CA SER A 90 -16.73 -16.22 -4.47
C SER A 90 -16.36 -14.79 -4.17
C SER A 90 -16.33 -14.79 -4.18
N THR A 91 -16.28 -14.47 -2.89
CA THR A 91 -15.84 -13.16 -2.42
C THR A 91 -15.05 -13.36 -1.14
N GLY A 92 -14.32 -12.32 -0.76
CA GLY A 92 -13.75 -12.22 0.57
C GLY A 92 -13.82 -10.80 1.09
N SER A 93 -13.77 -10.66 2.42
CA SER A 93 -13.85 -9.35 3.06
C SER A 93 -13.05 -9.40 4.36
N ALA A 94 -12.04 -8.56 4.51
CA ALA A 94 -11.21 -8.55 5.70
C ALA A 94 -11.01 -7.12 6.17
N THR A 95 -10.95 -6.96 7.48
CA THR A 95 -10.67 -5.66 8.07
C THR A 95 -9.18 -5.42 8.07
N THR A 96 -8.79 -4.19 7.75
CA THR A 96 -7.41 -3.74 7.77
C THR A 96 -7.29 -2.64 8.83
N THR A 97 -6.21 -2.69 9.62
CA THR A 97 -6.08 -1.91 10.84
C THR A 97 -4.75 -1.15 10.81
N PRO A 98 -4.73 0.14 11.14
CA PRO A 98 -3.44 0.84 11.22
C PRO A 98 -2.53 0.21 12.27
N ILE A 99 -1.24 0.18 11.99
CA ILE A 99 -0.29 -0.43 12.92
C ILE A 99 0.03 0.47 14.11
N ASP A 100 -0.25 1.76 14.01
CA ASP A 100 0.15 2.74 15.02
C ASP A 100 -0.76 3.96 14.89
N SER A 101 -0.54 4.94 15.76
CA SER A 101 -1.40 6.10 15.87
C SER A 101 -1.25 7.08 14.71
N LEU A 102 -0.27 6.85 13.85
CA LEU A 102 -0.02 7.71 12.70
C LEU A 102 -0.48 7.10 11.39
N ASP A 103 -1.04 5.89 11.40
CA ASP A 103 -1.37 5.19 10.17
C ASP A 103 -0.12 4.97 9.31
N ASP A 104 0.98 4.56 9.93
CA ASP A 104 2.21 4.36 9.16
C ASP A 104 2.08 3.21 8.16
N ALA A 105 1.21 2.25 8.46
CA ALA A 105 0.93 1.13 7.56
C ALA A 105 -0.32 0.49 8.11
N TYR A 106 -0.85 -0.46 7.36
CA TYR A 106 -2.06 -1.18 7.71
C TYR A 106 -1.79 -2.67 7.64
N ILE A 107 -2.34 -3.43 8.61
CA ILE A 107 -2.21 -4.88 8.63
C ILE A 107 -3.58 -5.54 8.51
N THR A 108 -3.58 -6.67 7.82
CA THR A 108 -4.78 -7.44 7.53
C THR A 108 -4.50 -8.89 7.88
N PRO A 109 -5.37 -9.56 8.65
CA PRO A 109 -5.08 -10.96 9.02
C PRO A 109 -5.28 -11.85 7.80
N VAL A 110 -4.37 -12.82 7.68
CA VAL A 110 -4.35 -13.78 6.57
C VAL A 110 -4.11 -15.17 7.16
N GLN A 111 -4.93 -16.13 6.74
CA GLN A 111 -4.79 -17.52 7.15
C GLN A 111 -3.92 -18.28 6.16
N ILE A 112 -2.87 -18.93 6.66
CA ILE A 112 -1.95 -19.70 5.83
C ILE A 112 -1.85 -21.11 6.39
N GLY A 113 -2.00 -22.12 5.52
CA GLY A 113 -1.74 -23.48 5.92
C GLY A 113 -2.90 -24.19 6.57
N THR A 114 -2.63 -25.46 6.92
CA THR A 114 -3.62 -26.35 7.52
C THR A 114 -2.97 -27.10 8.69
N PRO A 115 -3.44 -26.93 9.93
CA PRO A 115 -4.45 -25.95 10.35
C PRO A 115 -3.97 -24.52 10.07
N ALA A 116 -4.92 -23.60 10.08
CA ALA A 116 -4.58 -22.22 9.75
C ALA A 116 -3.55 -21.65 10.71
N GLN A 117 -2.62 -20.90 10.15
CA GLN A 117 -1.71 -20.03 10.88
C GLN A 117 -2.06 -18.60 10.46
N THR A 118 -2.48 -17.77 11.39
CA THR A 118 -2.92 -16.42 11.06
C THR A 118 -1.76 -15.45 11.27
N LEU A 119 -1.38 -14.77 10.19
CA LEU A 119 -0.35 -13.76 10.20
C LEU A 119 -0.97 -12.44 9.77
N ASN A 120 -0.45 -11.32 10.29
CA ASN A 120 -0.95 -10.00 9.94
C ASN A 120 -0.02 -9.40 8.89
N LEU A 121 -0.54 -9.29 7.67
CA LEU A 121 0.27 -8.90 6.51
C LEU A 121 -0.07 -7.49 6.06
N ASP A 122 0.93 -6.84 5.46
CA ASP A 122 0.78 -5.52 4.88
C ASP A 122 0.40 -5.71 3.41
N PHE A 123 -0.85 -5.42 3.08
CA PHE A 123 -1.33 -5.55 1.70
C PHE A 123 -0.77 -4.39 0.87
N ASP A 124 -0.03 -4.73 -0.18
CA ASP A 124 0.83 -3.76 -0.88
C ASP A 124 0.50 -3.77 -2.38
N THR A 125 -0.30 -2.81 -2.84
CA THR A 125 -0.62 -2.73 -4.26
C THR A 125 0.54 -2.22 -5.11
N GLY A 126 1.70 -1.95 -4.50
CA GLY A 126 2.91 -1.60 -5.20
C GLY A 126 3.96 -2.69 -5.29
N SER A 127 3.66 -3.92 -4.89
CA SER A 127 4.57 -5.05 -5.11
C SER A 127 3.76 -6.31 -5.31
N SER A 128 4.45 -7.43 -5.59
CA SER A 128 3.79 -8.60 -6.12
C SER A 128 4.27 -9.91 -5.49
N ASP A 129 4.85 -9.83 -4.29
CA ASP A 129 5.32 -10.99 -3.56
C ASP A 129 4.49 -11.10 -2.28
N LEU A 130 4.08 -12.32 -1.95
CA LEU A 130 3.49 -12.66 -0.66
C LEU A 130 4.60 -13.34 0.12
N TRP A 131 5.18 -12.62 1.09
CA TRP A 131 6.28 -13.18 1.86
C TRP A 131 5.98 -13.00 3.34
N VAL A 132 6.53 -13.93 4.14
CA VAL A 132 6.25 -13.99 5.55
C VAL A 132 7.49 -14.27 6.38
N PHE A 133 7.51 -13.68 7.58
CA PHE A 133 8.38 -14.18 8.62
C PHE A 133 8.07 -15.66 8.85
N SER A 134 9.09 -16.46 9.15
CA SER A 134 8.89 -17.89 9.18
C SER A 134 9.83 -18.53 10.18
N SER A 135 9.62 -19.84 10.37
CA SER A 135 10.53 -20.66 11.15
C SER A 135 11.92 -20.75 10.52
N GLU A 136 12.07 -20.32 9.26
CA GLU A 136 13.36 -20.26 8.58
C GLU A 136 14.07 -18.93 8.72
N THR A 137 13.41 -17.90 9.26
CA THR A 137 14.03 -16.59 9.34
C THR A 137 15.12 -16.61 10.40
N THR A 138 16.29 -16.08 10.03
CA THR A 138 17.40 -15.93 10.96
C THR A 138 16.89 -15.43 12.32
N ALA A 139 17.21 -16.17 13.38
CA ALA A 139 16.55 -15.94 14.66
C ALA A 139 16.79 -14.53 15.18
N SER A 140 17.99 -13.99 15.01
CA SER A 140 18.27 -12.64 15.49
C SER A 140 17.52 -11.56 14.72
N GLU A 141 16.87 -11.90 13.61
CA GLU A 141 16.13 -10.93 12.80
C GLU A 141 14.64 -11.00 13.05
N VAL A 142 14.21 -11.83 13.99
CA VAL A 142 12.81 -11.91 14.42
C VAL A 142 12.73 -11.27 15.80
N ASP A 143 11.84 -10.29 15.95
CA ASP A 143 11.66 -9.56 17.20
C ASP A 143 10.17 -9.25 17.39
N GLY A 144 9.40 -10.28 17.72
CA GLY A 144 8.00 -10.13 18.08
C GLY A 144 7.01 -10.49 17.01
N GLN A 145 7.44 -10.71 15.77
CA GLN A 145 6.52 -11.07 14.70
C GLN A 145 5.98 -12.48 14.92
N THR A 146 4.79 -12.72 14.39
CA THR A 146 4.27 -14.08 14.28
C THR A 146 4.86 -14.72 13.03
N ILE A 147 5.28 -15.98 13.16
CA ILE A 147 5.97 -16.69 12.09
C ILE A 147 5.08 -17.78 11.52
N TYR A 148 5.28 -18.02 10.23
CA TYR A 148 4.73 -19.18 9.52
C TYR A 148 5.71 -20.34 9.66
N THR A 149 5.19 -21.49 10.09
CA THR A 149 6.01 -22.70 10.22
C THR A 149 5.52 -23.72 9.22
N PRO A 150 6.14 -23.85 8.05
CA PRO A 150 5.58 -24.76 7.04
C PRO A 150 5.55 -26.20 7.48
N SER A 151 6.47 -26.64 8.35
CA SER A 151 6.49 -28.03 8.76
C SER A 151 5.26 -28.41 9.57
N LYS A 152 4.52 -27.42 10.09
CA LYS A 152 3.29 -27.69 10.83
C LYS A 152 2.05 -27.60 9.96
N SER A 153 2.20 -27.37 8.67
CA SER A 153 1.08 -27.28 7.74
C SER A 153 1.04 -28.51 6.86
N THR A 154 -0.07 -29.24 6.91
CA THR A 154 -0.19 -30.47 6.15
C THR A 154 -0.38 -30.21 4.67
N THR A 155 -0.66 -28.98 4.27
CA THR A 155 -0.84 -28.61 2.88
C THR A 155 0.37 -27.87 2.30
N ALA A 156 1.40 -27.60 3.10
CA ALA A 156 2.58 -26.91 2.59
C ALA A 156 3.44 -27.85 1.76
N LYS A 157 3.97 -27.34 0.67
CA LYS A 157 4.89 -28.08 -0.16
C LYS A 157 6.04 -27.15 -0.58
N LEU A 158 7.28 -27.62 -0.40
CA LEU A 158 8.42 -26.83 -0.86
C LEU A 158 8.34 -26.70 -2.38
N LEU A 159 8.51 -25.49 -2.89
CA LEU A 159 8.59 -25.26 -4.33
C LEU A 159 10.06 -25.43 -4.66
N SER A 160 10.39 -26.59 -5.22
CA SER A 160 11.78 -26.99 -5.32
C SER A 160 12.60 -26.04 -6.17
N GLY A 161 13.72 -25.59 -5.61
CA GLY A 161 14.64 -24.75 -6.31
C GLY A 161 14.28 -23.28 -6.36
N ALA A 162 13.13 -22.91 -5.83
CA ALA A 162 12.66 -21.54 -5.98
C ALA A 162 13.20 -20.67 -4.87
N THR A 163 13.66 -19.46 -5.23
CA THR A 163 14.09 -18.47 -4.26
C THR A 163 13.49 -17.14 -4.64
N TRP A 164 13.59 -16.18 -3.71
CA TRP A 164 13.05 -14.85 -3.94
C TRP A 164 13.94 -13.86 -3.22
N SER A 165 13.90 -12.60 -3.67
CA SER A 165 14.70 -11.55 -3.07
C SER A 165 14.12 -10.24 -3.55
N ILE A 166 13.78 -9.36 -2.62
CA ILE A 166 13.10 -8.12 -2.95
C ILE A 166 13.73 -6.98 -2.19
N SER A 167 13.77 -5.80 -2.83
N SER A 167 13.83 -5.83 -2.84
CA SER A 167 14.27 -4.57 -2.23
CA SER A 167 14.22 -4.59 -2.19
C SER A 167 13.29 -3.45 -2.55
C SER A 167 13.13 -3.60 -2.49
N TYR A 168 12.82 -2.76 -1.51
CA TYR A 168 11.73 -1.82 -1.62
C TYR A 168 12.27 -0.39 -1.70
N GLY A 169 11.36 0.55 -1.97
CA GLY A 169 11.74 1.94 -2.20
C GLY A 169 12.39 2.62 -1.01
N ASP A 170 12.19 2.10 0.19
CA ASP A 170 12.75 2.69 1.39
C ASP A 170 14.11 2.11 1.78
N GLY A 171 14.69 1.21 0.97
CA GLY A 171 15.97 0.64 1.30
C GLY A 171 15.90 -0.65 2.10
N SER A 172 14.71 -1.10 2.46
CA SER A 172 14.58 -2.37 3.15
C SER A 172 14.58 -3.52 2.13
N SER A 173 14.72 -4.75 2.64
CA SER A 173 14.82 -5.91 1.78
C SER A 173 14.54 -7.19 2.58
N SER A 174 14.30 -8.27 1.85
CA SER A 174 14.08 -9.58 2.42
C SER A 174 14.28 -10.61 1.32
N SER A 175 14.53 -11.85 1.72
CA SER A 175 14.80 -12.92 0.75
C SER A 175 14.58 -14.28 1.41
N GLY A 176 14.42 -15.31 0.58
CA GLY A 176 14.29 -16.65 1.13
C GLY A 176 13.92 -17.69 0.08
N ASP A 177 13.18 -18.70 0.52
CA ASP A 177 12.73 -19.81 -0.31
C ASP A 177 11.20 -19.78 -0.37
N VAL A 178 10.61 -20.79 -0.99
CA VAL A 178 9.21 -20.70 -1.39
C VAL A 178 8.49 -22.00 -1.13
N TYR A 179 7.30 -21.89 -0.56
CA TYR A 179 6.36 -22.97 -0.40
C TYR A 179 5.11 -22.66 -1.19
N THR A 180 4.34 -23.67 -1.54
CA THR A 180 2.95 -23.45 -1.91
C THR A 180 2.09 -23.93 -0.75
N ASP A 181 0.98 -23.23 -0.50
CA ASP A 181 0.10 -23.58 0.60
C ASP A 181 -1.26 -22.93 0.36
N THR A 182 -2.20 -23.29 1.21
CA THR A 182 -3.53 -22.71 1.15
C THR A 182 -3.53 -21.38 1.90
N VAL A 183 -4.04 -20.34 1.24
CA VAL A 183 -4.07 -18.99 1.81
C VAL A 183 -5.49 -18.47 1.73
N SER A 184 -6.02 -17.95 2.85
CA SER A 184 -7.36 -17.40 2.87
C SER A 184 -7.32 -15.97 3.41
N VAL A 185 -8.12 -15.11 2.78
CA VAL A 185 -8.27 -13.71 3.19
C VAL A 185 -9.75 -13.45 3.33
N GLY A 186 -10.21 -13.19 4.54
CA GLY A 186 -11.58 -12.78 4.72
C GLY A 186 -12.57 -13.78 4.16
N GLY A 187 -12.27 -15.08 4.25
CA GLY A 187 -13.18 -16.09 3.74
C GLY A 187 -12.96 -16.53 2.31
N LEU A 188 -12.09 -15.87 1.56
CA LEU A 188 -11.73 -16.26 0.19
C LEU A 188 -10.46 -17.10 0.23
N THR A 189 -10.51 -18.30 -0.35
CA THR A 189 -9.41 -19.24 -0.27
C THR A 189 -8.78 -19.49 -1.63
N VAL A 190 -7.45 -19.47 -1.65
CA VAL A 190 -6.64 -19.89 -2.79
C VAL A 190 -5.81 -21.09 -2.37
N THR A 191 -5.92 -22.18 -3.10
CA THR A 191 -5.01 -23.30 -2.89
C THR A 191 -3.81 -23.17 -3.83
N GLY A 192 -2.66 -23.66 -3.37
CA GLY A 192 -1.47 -23.60 -4.19
C GLY A 192 -0.86 -22.22 -4.33
N GLN A 193 -1.17 -21.30 -3.41
CA GLN A 193 -0.55 -19.99 -3.44
C GLN A 193 0.93 -20.08 -3.09
N ALA A 194 1.78 -19.35 -3.82
CA ALA A 194 3.18 -19.23 -3.43
C ALA A 194 3.30 -18.36 -2.19
N VAL A 195 3.84 -18.96 -1.14
CA VAL A 195 4.11 -18.32 0.14
C VAL A 195 5.63 -18.26 0.26
N GLU A 196 6.17 -17.06 0.18
CA GLU A 196 7.61 -16.85 0.16
C GLU A 196 8.08 -16.73 1.60
N SER A 197 8.89 -17.69 2.04
CA SER A 197 9.33 -17.79 3.42
C SER A 197 10.66 -17.06 3.56
N ALA A 198 10.72 -16.08 4.44
CA ALA A 198 11.94 -15.30 4.61
C ALA A 198 13.00 -16.08 5.37
N LYS A 199 14.19 -16.13 4.78
CA LYS A 199 15.39 -16.54 5.50
C LYS A 199 16.13 -15.35 6.08
N LYS A 200 16.03 -14.19 5.44
CA LYS A 200 16.69 -12.97 5.87
C LYS A 200 15.71 -11.82 5.68
N VAL A 201 15.72 -10.89 6.63
CA VAL A 201 14.99 -9.62 6.50
C VAL A 201 15.92 -8.52 6.99
N SER A 202 15.75 -7.31 6.44
CA SER A 202 16.56 -6.19 6.87
C SER A 202 16.02 -5.58 8.16
N SER A 203 16.82 -4.68 8.73
CA SER A 203 16.59 -4.21 10.10
C SER A 203 15.22 -3.55 10.26
N SER A 204 14.74 -2.82 9.26
N SER A 204 14.76 -2.80 9.27
CA SER A 204 13.47 -2.12 9.43
CA SER A 204 13.48 -2.13 9.42
C SER A 204 12.31 -3.09 9.52
C SER A 204 12.34 -3.12 9.59
N PHE A 205 12.43 -4.28 8.92
CA PHE A 205 11.41 -5.31 9.12
C PHE A 205 11.50 -5.89 10.51
N THR A 206 12.71 -6.24 10.96
CA THR A 206 12.86 -6.77 12.31
C THR A 206 12.30 -5.82 13.33
N GLU A 207 12.56 -4.52 13.14
CA GLU A 207 12.20 -3.51 14.12
C GLU A 207 10.71 -3.24 14.16
N ASP A 208 9.93 -3.76 13.24
CA ASP A 208 8.51 -3.52 13.25
C ASP A 208 7.80 -4.82 13.59
N SER A 209 7.51 -4.97 14.89
CA SER A 209 6.94 -6.21 15.36
C SER A 209 5.51 -6.41 14.90
N THR A 210 4.84 -5.39 14.35
CA THR A 210 3.43 -5.50 13.99
C THR A 210 3.17 -6.09 12.61
N ILE A 211 4.19 -6.16 11.76
CA ILE A 211 4.03 -6.60 10.37
C ILE A 211 4.74 -7.94 10.22
N ASP A 212 3.94 -8.98 9.93
CA ASP A 212 4.43 -10.35 9.82
C ASP A 212 4.84 -10.72 8.40
N GLY A 213 4.69 -9.79 7.46
CA GLY A 213 5.02 -10.03 6.06
C GLY A 213 4.17 -9.12 5.19
N LEU A 214 4.33 -9.32 3.88
CA LEU A 214 3.69 -8.53 2.86
C LEU A 214 2.80 -9.42 2.00
N LEU A 215 1.70 -8.86 1.51
CA LEU A 215 0.85 -9.53 0.50
C LEU A 215 0.75 -8.59 -0.69
N GLY A 216 1.50 -8.91 -1.75
CA GLY A 216 1.55 -8.05 -2.92
C GLY A 216 0.30 -8.15 -3.78
N LEU A 217 -0.14 -7.01 -4.26
CA LEU A 217 -1.35 -6.87 -5.07
C LEU A 217 -1.12 -6.04 -6.34
N ALA A 218 0.13 -5.77 -6.70
CA ALA A 218 0.47 -5.23 -8.02
C ALA A 218 0.40 -6.37 -9.03
N PHE A 219 0.86 -6.14 -10.26
CA PHE A 219 0.76 -7.15 -11.31
C PHE A 219 1.84 -8.21 -11.15
N SER A 220 1.49 -9.46 -11.50
CA SER A 220 2.38 -10.58 -11.22
C SER A 220 3.71 -10.50 -11.98
N THR A 221 3.79 -9.66 -13.02
CA THR A 221 5.04 -9.44 -13.72
C THR A 221 6.16 -8.90 -12.81
N LEU A 222 5.82 -8.29 -11.66
CA LEU A 222 6.82 -7.84 -10.70
C LEU A 222 7.24 -8.90 -9.69
N ASN A 223 6.63 -10.08 -9.69
CA ASN A 223 6.98 -11.07 -8.68
C ASN A 223 8.43 -11.52 -8.85
N THR A 224 9.14 -11.65 -7.71
CA THR A 224 10.58 -11.88 -7.75
C THR A 224 10.99 -13.35 -7.71
N VAL A 225 10.06 -14.30 -7.63
CA VAL A 225 10.48 -15.69 -7.48
C VAL A 225 11.22 -16.14 -8.73
N SER A 226 12.33 -16.85 -8.52
CA SER A 226 13.19 -17.37 -9.55
C SER A 226 13.44 -18.85 -9.27
N PRO A 227 13.50 -19.70 -10.31
CA PRO A 227 13.50 -19.39 -11.73
C PRO A 227 12.12 -19.35 -12.38
N THR A 228 11.06 -19.61 -11.60
CA THR A 228 9.69 -19.65 -12.11
C THR A 228 8.89 -18.59 -11.37
N GLN A 229 8.57 -17.50 -12.06
N GLN A 229 8.56 -17.51 -12.06
CA GLN A 229 7.82 -16.42 -11.45
CA GLN A 229 7.81 -16.42 -11.46
C GLN A 229 6.45 -16.92 -11.00
C GLN A 229 6.44 -16.93 -10.99
N GLN A 230 5.97 -16.39 -9.87
CA GLN A 230 4.73 -16.80 -9.25
C GLN A 230 3.67 -15.71 -9.33
N LYS A 231 2.41 -16.11 -9.21
CA LYS A 231 1.26 -15.22 -9.26
C LYS A 231 0.87 -14.68 -7.88
N THR A 232 0.32 -13.45 -7.90
CA THR A 232 -0.23 -12.89 -6.67
C THR A 232 -1.51 -13.61 -6.25
N PHE A 233 -1.85 -13.39 -4.99
CA PHE A 233 -3.10 -13.90 -4.43
C PHE A 233 -4.29 -13.49 -5.28
N PHE A 234 -4.33 -12.21 -5.68
CA PHE A 234 -5.45 -11.74 -6.50
C PHE A 234 -5.47 -12.41 -7.86
N ASP A 235 -4.30 -12.52 -8.49
N ASP A 235 -4.32 -12.52 -8.53
CA ASP A 235 -4.19 -13.17 -9.80
CA ASP A 235 -4.34 -13.19 -9.83
C ASP A 235 -4.66 -14.63 -9.74
C ASP A 235 -4.81 -14.63 -9.67
N ASN A 236 -4.34 -15.33 -8.65
CA ASN A 236 -4.79 -16.71 -8.47
C ASN A 236 -6.30 -16.78 -8.19
N ALA A 237 -6.84 -15.83 -7.43
CA ALA A 237 -8.24 -15.87 -7.05
C ALA A 237 -9.18 -15.40 -8.15
N LYS A 238 -8.66 -14.59 -9.09
CA LYS A 238 -9.51 -13.74 -9.94
C LYS A 238 -10.62 -14.51 -10.62
N ALA A 239 -10.28 -15.64 -11.24
CA ALA A 239 -11.26 -16.33 -12.06
C ALA A 239 -12.43 -16.85 -11.22
N SER A 240 -12.20 -17.08 -9.93
CA SER A 240 -13.22 -17.60 -9.03
C SER A 240 -14.10 -16.52 -8.45
N LEU A 241 -13.65 -15.27 -8.50
CA LEU A 241 -14.37 -14.17 -7.91
C LEU A 241 -15.65 -13.85 -8.66
N ASP A 242 -16.64 -13.35 -7.93
CA ASP A 242 -17.89 -12.95 -8.58
C ASP A 242 -17.62 -11.88 -9.65
N SER A 243 -16.69 -10.96 -9.38
CA SER A 243 -16.27 -9.92 -10.31
C SER A 243 -14.77 -9.77 -10.11
N PRO A 244 -14.00 -9.51 -11.17
CA PRO A 244 -12.52 -9.59 -11.06
C PRO A 244 -11.91 -8.31 -10.51
N VAL A 245 -12.23 -8.03 -9.24
CA VAL A 245 -11.88 -6.75 -8.60
C VAL A 245 -11.47 -6.99 -7.16
N PHE A 246 -10.72 -6.05 -6.63
CA PHE A 246 -10.63 -5.89 -5.19
C PHE A 246 -10.72 -4.41 -4.88
N THR A 247 -11.12 -4.09 -3.64
CA THR A 247 -11.28 -2.70 -3.23
C THR A 247 -10.52 -2.43 -1.94
N ALA A 248 -9.98 -1.23 -1.86
CA ALA A 248 -9.29 -0.74 -0.67
C ALA A 248 -10.09 0.40 -0.08
N ASP A 249 -10.43 0.27 1.19
CA ASP A 249 -11.18 1.28 1.93
C ASP A 249 -10.43 1.50 3.24
N LEU A 250 -9.34 2.26 3.16
CA LEU A 250 -8.48 2.47 4.31
C LEU A 250 -9.06 3.57 5.21
N GLY A 251 -8.93 3.39 6.52
CA GLY A 251 -9.39 4.38 7.47
C GLY A 251 -8.34 5.37 7.89
N TYR A 252 -8.79 6.57 8.25
CA TYR A 252 -7.94 7.56 8.92
C TYR A 252 -8.06 7.31 10.41
N HIS A 253 -6.94 6.90 11.02
CA HIS A 253 -6.88 6.62 12.43
C HIS A 253 -8.01 5.67 12.85
N ALA A 254 -8.31 4.68 12.00
CA ALA A 254 -9.44 3.81 12.24
C ALA A 254 -9.31 2.60 11.33
N PRO A 255 -9.95 1.48 11.67
CA PRO A 255 -9.94 0.32 10.75
C PRO A 255 -10.72 0.60 9.47
N GLY A 256 -10.45 -0.23 8.48
CA GLY A 256 -11.06 -0.17 7.18
C GLY A 256 -11.18 -1.57 6.62
N THR A 257 -11.33 -1.68 5.30
CA THR A 257 -11.70 -2.96 4.69
C THR A 257 -11.01 -3.17 3.36
N TYR A 258 -10.54 -4.41 3.13
CA TYR A 258 -10.22 -4.93 1.81
C TYR A 258 -11.29 -5.94 1.42
N ASN A 259 -11.94 -5.70 0.28
CA ASN A 259 -12.90 -6.66 -0.28
C ASN A 259 -12.37 -7.23 -1.57
N PHE A 260 -12.66 -8.51 -1.80
CA PHE A 260 -12.31 -9.21 -3.03
C PHE A 260 -13.57 -9.72 -3.69
N GLY A 261 -13.75 -9.37 -4.96
CA GLY A 261 -14.79 -9.97 -5.77
C GLY A 261 -16.10 -9.22 -5.83
N PHE A 262 -16.23 -8.10 -5.12
CA PHE A 262 -17.45 -7.33 -5.13
C PHE A 262 -17.18 -5.90 -4.70
N ILE A 263 -18.08 -5.02 -5.10
CA ILE A 263 -18.08 -3.62 -4.74
C ILE A 263 -19.22 -3.38 -3.76
N ASP A 264 -18.86 -2.95 -2.53
CA ASP A 264 -19.84 -2.65 -1.49
C ASP A 264 -20.38 -1.25 -1.75
N THR A 265 -21.60 -1.19 -2.31
CA THR A 265 -22.19 0.09 -2.70
C THR A 265 -22.59 0.92 -1.49
N THR A 266 -22.54 0.36 -0.27
CA THR A 266 -22.79 1.14 0.94
C THR A 266 -21.54 1.83 1.47
N ALA A 267 -20.38 1.57 0.89
CA ALA A 267 -19.11 2.02 1.45
C ALA A 267 -18.61 3.34 0.88
N TYR A 268 -19.36 3.97 -0.02
CA TYR A 268 -18.90 5.20 -0.63
C TYR A 268 -20.11 6.09 -0.91
N THR A 269 -19.84 7.35 -1.14
CA THR A 269 -20.85 8.32 -1.52
C THR A 269 -20.70 8.62 -3.01
N GLY A 270 -21.77 9.15 -3.61
CA GLY A 270 -21.71 9.50 -5.01
C GLY A 270 -21.46 8.29 -5.89
N SER A 271 -20.74 8.52 -6.99
N SER A 271 -20.76 8.53 -7.00
CA SER A 271 -20.42 7.47 -7.93
CA SER A 271 -20.42 7.49 -7.96
C SER A 271 -18.91 7.22 -7.96
C SER A 271 -18.92 7.21 -7.94
N ILE A 272 -18.56 6.07 -8.52
CA ILE A 272 -17.16 5.69 -8.71
C ILE A 272 -16.74 6.20 -10.08
N THR A 273 -15.66 6.98 -10.13
CA THR A 273 -15.10 7.42 -11.39
C THR A 273 -13.92 6.52 -11.73
N TYR A 274 -14.00 5.90 -12.91
CA TYR A 274 -12.96 5.00 -13.39
C TYR A 274 -11.98 5.74 -14.30
N THR A 275 -10.74 5.29 -14.28
CA THR A 275 -9.66 5.95 -15.01
C THR A 275 -8.69 4.89 -15.52
N ALA A 276 -8.04 5.18 -16.64
CA ALA A 276 -7.18 4.21 -17.30
C ALA A 276 -5.93 3.87 -16.50
N VAL A 277 -5.47 2.64 -16.70
CA VAL A 277 -4.28 2.12 -16.04
C VAL A 277 -3.29 1.67 -17.10
N SER A 278 -2.01 1.96 -16.87
CA SER A 278 -0.92 1.34 -17.60
C SER A 278 -0.30 0.29 -16.71
N THR A 279 -0.19 -0.93 -17.24
CA THR A 279 0.48 -2.01 -16.53
C THR A 279 1.94 -2.18 -16.96
N LYS A 280 2.48 -1.26 -17.76
CA LYS A 280 3.78 -1.47 -18.37
C LYS A 280 4.92 -1.55 -17.35
N GLN A 281 4.80 -0.87 -16.20
N GLN A 281 4.80 -0.88 -16.21
CA GLN A 281 5.80 -0.95 -15.14
CA GLN A 281 5.82 -0.98 -15.16
C GLN A 281 5.37 -1.90 -14.02
C GLN A 281 5.43 -1.96 -14.07
N GLY A 282 4.29 -2.66 -14.21
CA GLY A 282 3.85 -3.63 -13.24
C GLY A 282 2.97 -3.06 -12.15
N PHE A 283 2.69 -1.76 -12.16
CA PHE A 283 1.96 -1.07 -11.12
C PHE A 283 0.55 -0.73 -11.59
N TRP A 284 -0.28 -0.35 -10.61
CA TRP A 284 -1.57 0.28 -10.89
C TRP A 284 -1.30 1.76 -11.16
N GLU A 285 -0.83 2.03 -12.38
CA GLU A 285 -0.32 3.34 -12.77
C GLU A 285 -1.40 4.07 -13.55
N TRP A 286 -1.67 5.31 -13.18
CA TRP A 286 -2.79 6.08 -13.71
C TRP A 286 -2.36 7.54 -13.79
N THR A 287 -3.23 8.39 -14.32
CA THR A 287 -2.92 9.81 -14.48
C THR A 287 -4.00 10.64 -13.82
N SER A 288 -3.65 11.31 -12.73
CA SER A 288 -4.54 12.28 -12.12
C SER A 288 -4.66 13.52 -13.00
N THR A 289 -5.82 14.15 -12.95
CA THR A 289 -6.11 15.31 -13.79
C THR A 289 -5.77 16.64 -13.14
N GLY A 290 -5.29 16.66 -11.90
CA GLY A 290 -4.80 17.90 -11.32
C GLY A 290 -5.01 17.95 -9.83
N TYR A 291 -4.91 19.17 -9.27
CA TYR A 291 -4.95 19.30 -7.83
C TYR A 291 -5.42 20.69 -7.41
N ALA A 292 -5.83 20.78 -6.15
CA ALA A 292 -6.06 22.06 -5.48
C ALA A 292 -5.49 21.99 -4.07
N VAL A 293 -5.13 23.15 -3.53
CA VAL A 293 -4.65 23.28 -2.16
C VAL A 293 -5.71 24.04 -1.36
N GLY A 294 -6.21 23.42 -0.29
CA GLY A 294 -7.25 24.08 0.51
C GLY A 294 -8.43 24.50 -0.34
N SER A 295 -8.87 25.72 -0.15
CA SER A 295 -10.01 26.26 -0.90
C SER A 295 -9.59 26.90 -2.20
N GLY A 296 -8.35 26.71 -2.63
CA GLY A 296 -7.84 27.35 -3.82
C GLY A 296 -8.42 26.75 -5.09
N THR A 297 -8.13 27.41 -6.19
CA THR A 297 -8.64 26.96 -7.47
C THR A 297 -7.92 25.69 -7.93
N PHE A 298 -8.65 24.86 -8.66
CA PHE A 298 -8.12 23.61 -9.17
C PHE A 298 -7.20 23.90 -10.36
N LYS A 299 -6.02 23.29 -10.32
CA LYS A 299 -5.03 23.36 -11.39
C LYS A 299 -5.14 22.09 -12.23
N SER A 300 -5.46 22.26 -13.50
N SER A 300 -5.57 22.25 -13.47
CA SER A 300 -5.62 21.14 -14.43
CA SER A 300 -5.60 21.13 -14.40
C SER A 300 -4.27 20.76 -15.02
C SER A 300 -4.19 20.83 -14.87
N THR A 301 -3.73 19.61 -14.60
CA THR A 301 -2.40 19.19 -14.99
C THR A 301 -2.32 17.68 -14.82
N SER A 302 -1.70 17.01 -15.78
CA SER A 302 -1.60 15.55 -15.72
C SER A 302 -0.50 15.12 -14.76
N ILE A 303 -0.83 14.24 -13.83
CA ILE A 303 0.12 13.72 -12.85
C ILE A 303 0.07 12.20 -12.92
N ASP A 304 1.02 11.60 -13.63
N ASP A 304 1.09 11.60 -13.52
CA ASP A 304 1.13 10.14 -13.64
CA ASP A 304 1.18 10.14 -13.65
C ASP A 304 1.56 9.70 -12.26
C ASP A 304 1.74 9.54 -12.37
N GLY A 305 1.04 8.57 -11.80
CA GLY A 305 1.52 8.01 -10.56
C GLY A 305 0.91 6.67 -10.31
N ILE A 306 1.28 6.04 -9.19
CA ILE A 306 0.79 4.69 -8.87
C ILE A 306 -0.14 4.74 -7.66
N ALA A 307 -1.17 3.90 -7.67
CA ALA A 307 -2.02 3.70 -6.49
C ALA A 307 -1.35 2.62 -5.64
N ASP A 308 -0.80 3.01 -4.48
CA ASP A 308 0.11 2.17 -3.72
C ASP A 308 -0.28 2.12 -2.23
N THR A 309 -1.02 1.06 -1.85
CA THR A 309 -1.39 0.91 -0.45
C THR A 309 -0.20 0.62 0.45
N GLY A 310 0.92 0.20 -0.10
CA GLY A 310 2.09 -0.12 0.68
C GLY A 310 3.05 1.03 0.92
N THR A 311 2.72 2.22 0.45
CA THR A 311 3.49 3.44 0.74
C THR A 311 2.63 4.33 1.64
N THR A 312 3.25 4.87 2.70
CA THR A 312 2.50 5.64 3.69
C THR A 312 2.02 6.97 3.14
N LEU A 313 2.90 7.70 2.47
CA LEU A 313 2.71 9.10 2.14
C LEU A 313 2.30 9.32 0.69
N LEU A 314 2.01 10.58 0.38
CA LEU A 314 1.67 11.04 -0.95
C LEU A 314 2.89 11.75 -1.53
N TYR A 315 3.47 11.16 -2.57
CA TYR A 315 4.68 11.69 -3.21
C TYR A 315 4.33 12.27 -4.58
N LEU A 316 4.51 13.57 -4.75
CA LEU A 316 4.08 14.29 -5.93
C LEU A 316 5.20 15.18 -6.45
N PRO A 317 5.04 15.77 -7.64
CA PRO A 317 6.13 16.60 -8.19
C PRO A 317 6.45 17.77 -7.29
N ALA A 318 7.71 18.18 -7.33
CA ALA A 318 8.18 19.24 -6.46
C ALA A 318 7.37 20.52 -6.59
N THR A 319 6.92 20.86 -7.79
CA THR A 319 6.12 22.08 -7.96
C THR A 319 4.83 22.01 -7.17
N VAL A 320 4.16 20.85 -7.22
CA VAL A 320 2.88 20.66 -6.52
C VAL A 320 3.10 20.71 -5.01
N VAL A 321 4.14 20.02 -4.55
CA VAL A 321 4.41 19.95 -3.11
C VAL A 321 4.79 21.32 -2.55
N SER A 322 5.59 22.09 -3.31
CA SER A 322 5.95 23.44 -2.88
C SER A 322 4.69 24.30 -2.77
N ALA A 323 3.78 24.19 -3.74
CA ALA A 323 2.54 24.95 -3.70
C ALA A 323 1.70 24.60 -2.47
N TYR A 324 1.68 23.35 -2.07
CA TYR A 324 0.96 22.96 -0.86
C TYR A 324 1.59 23.58 0.39
N TRP A 325 2.89 23.32 0.60
CA TRP A 325 3.53 23.73 1.86
C TRP A 325 3.68 25.24 1.98
N ALA A 326 3.66 25.96 0.86
CA ALA A 326 3.67 27.41 0.91
C ALA A 326 2.45 27.96 1.62
N GLN A 327 1.38 27.17 1.75
CA GLN A 327 0.18 27.62 2.45
C GLN A 327 0.25 27.37 3.96
N VAL A 328 1.35 26.84 4.47
CA VAL A 328 1.49 26.49 5.88
C VAL A 328 2.59 27.35 6.48
N SER A 329 2.22 28.24 7.40
N SER A 329 2.24 28.24 7.40
CA SER A 329 3.20 29.12 8.03
CA SER A 329 3.21 29.17 7.95
C SER A 329 4.29 28.31 8.70
C SER A 329 4.27 28.41 8.74
N GLY A 330 5.53 28.63 8.37
CA GLY A 330 6.66 27.98 8.99
C GLY A 330 7.09 26.67 8.38
N ALA A 331 6.39 26.16 7.38
CA ALA A 331 6.80 24.92 6.74
C ALA A 331 8.06 25.12 5.91
N LYS A 332 8.89 24.08 5.86
CA LYS A 332 10.13 24.16 5.12
C LYS A 332 10.55 22.75 4.75
N SER A 333 11.35 22.65 3.69
CA SER A 333 11.97 21.39 3.34
C SER A 333 13.29 21.29 4.08
N SER A 334 13.44 20.22 4.85
CA SER A 334 14.60 19.99 5.70
C SER A 334 15.42 18.85 5.10
N SER A 335 16.63 19.16 4.66
CA SER A 335 17.51 18.10 4.17
C SER A 335 17.94 17.17 5.30
N SER A 336 18.08 17.69 6.52
CA SER A 336 18.50 16.84 7.63
C SER A 336 17.40 15.86 8.03
N VAL A 337 16.14 16.29 7.99
CA VAL A 337 15.05 15.38 8.34
C VAL A 337 14.69 14.48 7.18
N GLY A 338 14.80 14.97 5.95
CA GLY A 338 14.46 14.19 4.78
C GLY A 338 13.13 14.54 4.14
N GLY A 339 12.63 15.75 4.33
CA GLY A 339 11.43 16.17 3.66
C GLY A 339 10.89 17.44 4.27
N TYR A 340 9.68 17.77 3.86
CA TYR A 340 8.97 18.90 4.41
C TYR A 340 8.52 18.62 5.84
N VAL A 341 8.77 19.61 6.68
CA VAL A 341 8.37 19.65 8.07
C VAL A 341 7.57 20.92 8.29
N PHE A 342 6.79 20.94 9.36
CA PHE A 342 5.93 22.07 9.64
C PHE A 342 5.70 22.18 11.13
N PRO A 343 5.32 23.36 11.63
CA PRO A 343 5.08 23.49 13.07
C PRO A 343 3.92 22.61 13.52
N CYS A 344 4.13 21.86 14.60
CA CYS A 344 3.08 20.97 15.07
C CYS A 344 1.84 21.74 15.49
N SER A 345 1.97 23.04 15.77
CA SER A 345 0.85 23.92 16.09
C SER A 345 -0.02 24.31 14.90
N ALA A 346 0.38 23.97 13.69
CA ALA A 346 -0.37 24.38 12.51
C ALA A 346 -1.67 23.59 12.35
N THR A 347 -2.65 24.22 11.70
CA THR A 347 -3.81 23.56 11.15
C THR A 347 -3.59 23.45 9.64
N LEU A 348 -3.48 22.23 9.12
CA LEU A 348 -3.10 22.05 7.73
C LEU A 348 -4.29 22.24 6.78
N PRO A 349 -4.03 22.78 5.60
CA PRO A 349 -5.08 22.82 4.57
C PRO A 349 -5.30 21.44 3.96
N SER A 350 -6.49 21.26 3.39
CA SER A 350 -6.76 20.05 2.62
C SER A 350 -5.97 20.05 1.31
N PHE A 351 -5.97 18.88 0.67
CA PHE A 351 -5.39 18.72 -0.66
C PHE A 351 -6.36 17.93 -1.50
N THR A 352 -6.72 18.46 -2.67
CA THR A 352 -7.62 17.78 -3.60
C THR A 352 -6.84 17.23 -4.78
N PHE A 353 -7.15 15.99 -5.19
CA PHE A 353 -6.62 15.48 -6.45
C PHE A 353 -7.76 15.10 -7.38
N GLY A 354 -7.49 15.24 -8.69
CA GLY A 354 -8.48 14.93 -9.70
C GLY A 354 -8.41 13.49 -10.19
N VAL A 355 -9.60 12.93 -10.41
CA VAL A 355 -9.76 11.62 -11.05
C VAL A 355 -10.77 11.90 -12.17
N GLY A 356 -10.31 12.01 -13.41
CA GLY A 356 -11.19 12.50 -14.45
C GLY A 356 -11.76 13.84 -14.04
N SER A 357 -13.06 14.00 -14.21
CA SER A 357 -13.74 15.22 -13.80
C SER A 357 -14.10 15.22 -12.32
N ALA A 358 -13.84 14.13 -11.60
CA ALA A 358 -14.16 14.03 -10.20
C ALA A 358 -12.99 14.51 -9.35
N ARG A 359 -13.27 14.69 -8.05
CA ARG A 359 -12.32 15.29 -7.13
C ARG A 359 -12.34 14.50 -5.83
N ILE A 360 -11.17 14.14 -5.33
CA ILE A 360 -11.03 13.50 -4.01
C ILE A 360 -10.34 14.50 -3.11
N VAL A 361 -10.94 14.77 -1.95
CA VAL A 361 -10.42 15.75 -1.00
C VAL A 361 -9.78 15.02 0.18
N ILE A 362 -8.49 15.30 0.39
CA ILE A 362 -7.74 14.77 1.53
C ILE A 362 -7.80 15.84 2.63
N PRO A 363 -8.47 15.59 3.76
CA PRO A 363 -8.49 16.60 4.82
C PRO A 363 -7.09 16.89 5.34
N GLY A 364 -6.91 18.12 5.81
CA GLY A 364 -5.60 18.53 6.30
C GLY A 364 -5.05 17.61 7.38
N ASP A 365 -5.90 17.13 8.28
N ASP A 365 -5.90 17.12 8.28
CA ASP A 365 -5.39 16.30 9.37
CA ASP A 365 -5.29 16.33 9.35
C ASP A 365 -4.72 15.04 8.84
C ASP A 365 -4.80 14.96 8.90
N TYR A 366 -5.13 14.55 7.67
CA TYR A 366 -4.54 13.33 7.11
C TYR A 366 -3.08 13.53 6.74
N ILE A 367 -2.64 14.79 6.64
CA ILE A 367 -1.32 15.15 6.17
C ILE A 367 -0.33 15.35 7.34
N ASP A 368 -0.78 15.18 8.57
N ASP A 368 -0.79 15.20 8.58
CA ASP A 368 0.05 15.34 9.76
CA ASP A 368 0.06 15.35 9.75
C ASP A 368 0.62 13.99 10.19
C ASP A 368 0.61 13.99 10.17
N PHE A 369 1.95 13.84 10.11
CA PHE A 369 2.63 12.63 10.55
C PHE A 369 3.43 12.82 11.82
N GLY A 370 3.08 13.85 12.59
CA GLY A 370 3.52 13.95 13.96
C GLY A 370 4.96 14.38 14.12
N PRO A 371 5.39 14.49 15.38
CA PRO A 371 6.74 15.00 15.66
C PRO A 371 7.83 14.24 14.93
N ILE A 372 8.84 14.98 14.47
CA ILE A 372 9.93 14.37 13.72
C ILE A 372 10.74 13.43 14.59
N SER A 373 10.80 13.71 15.89
CA SER A 373 11.42 12.88 16.90
C SER A 373 10.59 13.11 18.15
N THR A 374 10.68 12.18 19.08
CA THR A 374 9.81 12.25 20.23
C THR A 374 9.94 13.58 20.99
N GLY A 375 8.81 14.25 21.22
CA GLY A 375 8.78 15.49 21.95
C GLY A 375 9.10 16.74 21.15
N SER A 376 9.44 16.61 19.88
CA SER A 376 9.70 17.79 19.05
C SER A 376 8.41 18.51 18.71
N SER A 377 8.52 19.83 18.51
CA SER A 377 7.41 20.63 17.99
C SER A 377 7.47 20.83 16.48
N SER A 378 8.41 20.16 15.80
N SER A 378 8.41 20.18 15.80
CA SER A 378 8.44 20.10 14.35
CA SER A 378 8.41 20.10 14.36
C SER A 378 7.82 18.78 13.90
C SER A 378 7.77 18.78 13.96
N CYS A 379 6.85 18.86 13.00
CA CYS A 379 6.06 17.71 12.58
C CYS A 379 6.39 17.36 11.12
N PHE A 380 6.27 16.08 10.79
CA PHE A 380 6.61 15.60 9.47
C PHE A 380 5.40 15.64 8.54
N GLY A 381 5.58 16.17 7.34
CA GLY A 381 4.47 16.28 6.40
C GLY A 381 4.11 14.98 5.69
N GLY A 382 2.84 14.87 5.36
CA GLY A 382 2.34 13.69 4.65
C GLY A 382 2.31 13.79 3.15
N ILE A 383 2.65 14.97 2.62
CA ILE A 383 2.83 15.23 1.19
C ILE A 383 4.30 15.59 1.02
N GLN A 384 4.99 14.82 0.18
CA GLN A 384 6.43 14.96 0.01
C GLN A 384 6.76 14.92 -1.47
N SER A 385 7.92 15.44 -1.83
CA SER A 385 8.34 15.43 -3.22
C SER A 385 8.73 14.04 -3.70
N SER A 386 8.33 13.73 -4.93
CA SER A 386 8.75 12.50 -5.61
C SER A 386 10.03 12.69 -6.39
N ALA A 387 10.66 13.86 -6.33
N ALA A 387 10.63 13.88 -6.35
CA ALA A 387 11.98 14.00 -6.93
CA ALA A 387 11.77 14.15 -7.22
C ALA A 387 12.91 12.98 -6.29
C ALA A 387 12.89 13.18 -6.87
N GLY A 388 13.68 12.30 -7.11
N GLY A 388 13.42 12.50 -7.86
CA GLY A 388 14.55 11.26 -6.62
CA GLY A 388 14.42 11.50 -7.60
C GLY A 388 13.91 9.89 -6.58
C GLY A 388 13.89 10.12 -7.28
N ILE A 389 12.62 9.78 -6.90
N ILE A 389 12.59 9.95 -7.00
CA ILE A 389 11.93 8.49 -6.95
CA ILE A 389 12.00 8.60 -6.98
C ILE A 389 11.75 8.02 -8.39
C ILE A 389 11.89 8.07 -8.39
N GLY A 390 11.50 8.93 -9.33
CA GLY A 390 11.24 8.53 -10.70
C GLY A 390 9.79 8.24 -10.99
N ILE A 391 8.91 8.26 -9.98
CA ILE A 391 7.48 8.05 -10.17
C ILE A 391 6.76 8.77 -9.02
N ASN A 392 5.56 9.27 -9.30
CA ASN A 392 4.70 9.79 -8.25
C ASN A 392 3.94 8.64 -7.61
N ILE A 393 3.68 8.77 -6.30
CA ILE A 393 3.08 7.69 -5.52
C ILE A 393 1.88 8.21 -4.78
N PHE A 394 0.70 7.72 -5.16
CA PHE A 394 -0.54 7.96 -4.41
C PHE A 394 -0.62 6.88 -3.33
N GLY A 395 0.06 7.15 -2.22
CA GLY A 395 0.11 6.24 -1.08
C GLY A 395 -1.07 6.42 -0.16
N ASP A 396 -0.93 5.89 1.05
CA ASP A 396 -2.07 5.79 1.96
C ASP A 396 -2.71 7.16 2.24
N VAL A 397 -1.92 8.21 2.37
CA VAL A 397 -2.47 9.55 2.61
C VAL A 397 -3.56 9.90 1.61
N ALA A 398 -3.32 9.59 0.33
CA ALA A 398 -4.32 9.82 -0.70
C ALA A 398 -5.41 8.75 -0.70
N LEU A 399 -5.02 7.49 -0.69
CA LEU A 399 -5.99 6.41 -0.85
C LEU A 399 -7.00 6.38 0.28
N LYS A 400 -6.58 6.71 1.51
N LYS A 400 -6.59 6.72 1.50
CA LYS A 400 -7.50 6.62 2.63
CA LYS A 400 -7.54 6.59 2.62
C LYS A 400 -8.63 7.63 2.55
C LYS A 400 -8.60 7.69 2.61
N ALA A 401 -8.48 8.68 1.73
CA ALA A 401 -9.56 9.64 1.49
C ALA A 401 -10.60 9.14 0.50
N ALA A 402 -10.42 7.94 -0.05
CA ALA A 402 -11.28 7.42 -1.11
C ALA A 402 -11.65 5.97 -0.86
N PHE A 403 -12.69 5.54 -1.56
CA PHE A 403 -12.98 4.14 -1.79
C PHE A 403 -12.39 3.82 -3.15
N VAL A 404 -11.46 2.85 -3.21
CA VAL A 404 -10.64 2.61 -4.40
C VAL A 404 -10.91 1.22 -4.94
N VAL A 405 -11.26 1.16 -6.22
CA VAL A 405 -11.48 -0.09 -6.93
C VAL A 405 -10.26 -0.40 -7.79
N PHE A 406 -9.69 -1.58 -7.56
CA PHE A 406 -8.62 -2.15 -8.37
C PHE A 406 -9.30 -3.16 -9.29
N ASN A 407 -9.59 -2.73 -10.51
CA ASN A 407 -10.38 -3.52 -11.44
C ASN A 407 -9.44 -4.34 -12.31
N GLY A 408 -9.44 -5.65 -12.08
CA GLY A 408 -8.59 -6.57 -12.81
C GLY A 408 -9.26 -7.27 -13.97
N ALA A 409 -10.20 -6.59 -14.59
CA ALA A 409 -10.76 -7.05 -15.85
C ALA A 409 -9.67 -7.13 -16.92
N THR A 410 -10.05 -7.69 -18.07
CA THR A 410 -9.10 -7.91 -19.16
C THR A 410 -8.25 -6.68 -19.43
N THR A 411 -8.89 -5.51 -19.49
CA THR A 411 -8.15 -4.26 -19.47
C THR A 411 -8.30 -3.66 -18.07
N PRO A 412 -7.28 -3.68 -17.25
CA PRO A 412 -7.45 -3.17 -15.88
C PRO A 412 -7.74 -1.67 -15.88
N THR A 413 -8.49 -1.23 -14.87
CA THR A 413 -8.71 0.18 -14.61
C THR A 413 -8.72 0.41 -13.10
N LEU A 414 -8.74 1.68 -12.67
CA LEU A 414 -8.88 2.06 -11.28
C LEU A 414 -10.14 2.91 -11.13
N GLY A 415 -10.86 2.69 -10.05
CA GLY A 415 -12.01 3.52 -9.71
C GLY A 415 -11.78 4.23 -8.38
N PHE A 416 -12.23 5.47 -8.30
CA PHE A 416 -12.16 6.25 -7.06
C PHE A 416 -13.53 6.84 -6.77
N ALA A 417 -13.98 6.72 -5.51
CA ALA A 417 -15.17 7.41 -5.02
C ALA A 417 -14.82 8.13 -3.71
N SER A 418 -15.53 9.21 -3.45
CA SER A 418 -15.52 9.80 -2.11
C SER A 418 -16.27 8.90 -1.14
N LYS A 419 -16.09 9.14 0.15
CA LYS A 419 -16.71 8.29 1.18
C LYS A 419 -16.93 9.03 2.48
#